data_5HMO
#
_entry.id   5HMO
#
_cell.length_a   69.810
_cell.length_b   69.810
_cell.length_c   236.690
_cell.angle_alpha   90.000
_cell.angle_beta   90.000
_cell.angle_gamma   90.000
#
_symmetry.space_group_name_H-M   'P 43 21 2'
#
_entity_poly.entity_id   1
_entity_poly.type   'polypeptide(L)'
_entity_poly.pdbx_seq_one_letter_code
;QKQLRGQIARRVYRQLLAEKRAEEEKRKREEEEKRKREEEERERERERREAELRAQQEEAARKQRELEALQQESQRAAEL
SRELEKQKENKQVEEILRLEKEIEDLQRMKERQELSLTEASLQKLQQLRDEELR
;
_entity_poly.pdbx_strand_id   A,C
#
# COMPACT_ATOMS: atom_id res chain seq x y z
N GLN A 1 -133.38 -51.29 -37.77
CA GLN A 1 -133.04 -52.12 -36.62
C GLN A 1 -131.88 -51.51 -35.82
N LYS A 2 -131.91 -51.70 -34.47
CA LYS A 2 -130.92 -51.18 -33.53
C LYS A 2 -129.56 -51.86 -33.72
N GLN A 3 -128.80 -51.38 -34.73
CA GLN A 3 -127.45 -51.81 -35.05
C GLN A 3 -126.50 -50.68 -34.64
N LEU A 4 -126.70 -50.22 -33.39
CA LEU A 4 -126.03 -49.10 -32.73
C LEU A 4 -124.55 -49.38 -32.45
N ARG A 5 -123.77 -49.40 -33.55
CA ARG A 5 -122.33 -49.58 -33.53
C ARG A 5 -121.67 -48.23 -33.26
N GLY A 6 -122.50 -47.17 -33.29
CA GLY A 6 -122.10 -45.80 -32.97
C GLY A 6 -121.64 -45.68 -31.54
N GLN A 7 -122.10 -46.64 -30.69
CA GLN A 7 -121.77 -46.80 -29.27
C GLN A 7 -120.29 -47.21 -29.13
N ILE A 8 -119.78 -48.06 -30.05
CA ILE A 8 -118.40 -48.54 -30.10
C ILE A 8 -117.54 -47.49 -30.85
N ALA A 9 -118.17 -46.74 -31.78
CA ALA A 9 -117.53 -45.69 -32.57
C ALA A 9 -116.98 -44.58 -31.69
N ARG A 10 -117.66 -44.25 -30.58
CA ARG A 10 -117.23 -43.24 -29.59
C ARG A 10 -115.85 -43.63 -29.03
N ARG A 11 -115.69 -44.92 -28.65
CA ARG A 11 -114.47 -45.50 -28.07
C ARG A 11 -113.27 -45.38 -29.02
N VAL A 12 -113.50 -45.46 -30.34
CA VAL A 12 -112.48 -45.33 -31.38
C VAL A 12 -112.03 -43.86 -31.43
N TYR A 13 -112.98 -42.91 -31.35
CA TYR A 13 -112.67 -41.48 -31.31
C TYR A 13 -112.12 -41.09 -29.91
N ARG A 14 -112.36 -41.94 -28.89
CA ARG A 14 -111.82 -41.76 -27.54
C ARG A 14 -110.36 -42.22 -27.50
N GLN A 15 -109.96 -43.06 -28.48
CA GLN A 15 -108.61 -43.54 -28.66
C GLN A 15 -107.83 -42.54 -29.49
N LEU A 16 -108.50 -41.77 -30.38
CA LEU A 16 -107.85 -40.73 -31.20
C LEU A 16 -107.51 -39.51 -30.34
N LEU A 17 -108.45 -39.05 -29.52
CA LEU A 17 -108.25 -37.93 -28.60
C LEU A 17 -107.14 -38.18 -27.57
N ALA A 18 -107.07 -39.41 -26.99
CA ALA A 18 -106.08 -39.82 -26.01
C ALA A 18 -104.74 -40.16 -26.67
N GLU A 19 -104.67 -40.23 -28.02
CA GLU A 19 -103.47 -40.52 -28.79
C GLU A 19 -102.91 -39.20 -29.29
N LYS A 20 -103.81 -38.23 -29.57
CA LYS A 20 -103.49 -36.88 -30.02
C LYS A 20 -102.74 -36.15 -28.91
N ARG A 21 -103.09 -36.48 -27.65
CA ARG A 21 -102.47 -35.96 -26.43
C ARG A 21 -101.22 -36.78 -26.09
N ALA A 22 -101.20 -38.08 -26.46
CA ALA A 22 -100.05 -38.98 -26.27
C ALA A 22 -98.94 -38.63 -27.26
N GLU A 23 -99.31 -38.01 -28.40
CA GLU A 23 -98.39 -37.55 -29.45
C GLU A 23 -97.78 -36.21 -29.03
N GLU A 24 -98.58 -35.35 -28.35
CA GLU A 24 -98.17 -34.05 -27.84
C GLU A 24 -97.16 -34.21 -26.70
N GLU A 25 -97.27 -35.32 -25.92
CA GLU A 25 -96.38 -35.68 -24.81
C GLU A 25 -94.98 -35.98 -25.32
N LYS A 26 -94.90 -36.74 -26.44
CA LYS A 26 -93.64 -37.12 -27.08
C LYS A 26 -93.04 -35.96 -27.86
N ARG A 27 -93.88 -35.08 -28.43
CA ARG A 27 -93.44 -33.90 -29.19
C ARG A 27 -92.87 -32.85 -28.24
N LYS A 28 -93.41 -32.77 -27.00
CA LYS A 28 -92.97 -31.84 -25.96
C LYS A 28 -91.66 -32.31 -25.33
N ARG A 29 -91.61 -33.57 -24.85
CA ARG A 29 -90.46 -34.19 -24.17
C ARG A 29 -89.20 -34.32 -25.05
N GLU A 30 -89.37 -34.66 -26.35
CA GLU A 30 -88.24 -34.79 -27.28
C GLU A 30 -87.72 -33.44 -27.71
N GLU A 31 -88.50 -32.35 -27.48
CA GLU A 31 -88.13 -30.98 -27.82
C GLU A 31 -87.66 -30.22 -26.57
N GLU A 32 -88.02 -30.72 -25.37
CA GLU A 32 -87.60 -30.18 -24.07
C GLU A 32 -86.21 -30.70 -23.76
N GLU A 33 -85.87 -31.87 -24.35
CA GLU A 33 -84.59 -32.56 -24.23
C GLU A 33 -83.59 -31.94 -25.19
N LYS A 34 -84.07 -31.50 -26.38
CA LYS A 34 -83.25 -30.84 -27.40
C LYS A 34 -82.89 -29.42 -26.98
N ARG A 35 -83.70 -28.81 -26.07
CA ARG A 35 -83.45 -27.46 -25.53
C ARG A 35 -82.35 -27.51 -24.47
N LYS A 36 -82.48 -28.46 -23.49
CA LYS A 36 -81.54 -28.66 -22.38
C LYS A 36 -80.18 -29.13 -22.87
N ARG A 37 -80.14 -29.91 -23.96
CA ARG A 37 -78.89 -30.40 -24.53
C ARG A 37 -78.21 -29.29 -25.32
N GLU A 38 -78.99 -28.49 -26.09
CA GLU A 38 -78.46 -27.38 -26.88
C GLU A 38 -78.03 -26.22 -25.99
N GLU A 39 -78.71 -26.01 -24.84
CA GLU A 39 -78.36 -24.94 -23.90
C GLU A 39 -77.04 -25.27 -23.20
N GLU A 40 -76.87 -26.55 -22.75
CA GLU A 40 -75.68 -27.06 -22.05
C GLU A 40 -74.43 -27.01 -22.93
N GLU A 41 -74.59 -27.34 -24.23
CA GLU A 41 -73.50 -27.35 -25.21
C GLU A 41 -73.07 -25.92 -25.57
N ARG A 42 -73.92 -24.91 -25.29
CA ARG A 42 -73.66 -23.48 -25.54
C ARG A 42 -73.24 -22.81 -24.22
N GLU A 43 -73.51 -23.45 -23.06
CA GLU A 43 -73.12 -22.97 -21.74
C GLU A 43 -71.68 -23.40 -21.46
N ARG A 44 -71.36 -24.68 -21.76
CA ARG A 44 -70.05 -25.31 -21.56
C ARG A 44 -69.07 -24.91 -22.67
N GLU A 45 -69.58 -24.28 -23.75
CA GLU A 45 -68.77 -23.76 -24.84
C GLU A 45 -68.34 -22.35 -24.49
N ARG A 46 -69.29 -21.50 -24.02
CA ARG A 46 -69.05 -20.11 -23.63
C ARG A 46 -68.24 -20.02 -22.32
N GLU A 47 -68.28 -21.09 -21.51
CA GLU A 47 -67.54 -21.17 -20.25
C GLU A 47 -66.07 -21.46 -20.52
N ARG A 48 -65.79 -22.49 -21.35
CA ARG A 48 -64.45 -22.93 -21.74
C ARG A 48 -63.76 -21.90 -22.62
N ARG A 49 -64.49 -21.26 -23.55
CA ARG A 49 -63.91 -20.27 -24.46
C ARG A 49 -63.54 -18.97 -23.74
N GLU A 50 -64.17 -18.66 -22.57
CA GLU A 50 -63.90 -17.44 -21.79
C GLU A 50 -62.87 -17.68 -20.68
N ALA A 51 -62.90 -18.87 -20.02
CA ALA A 51 -61.98 -19.23 -18.95
C ALA A 51 -60.57 -19.41 -19.49
N GLU A 52 -60.44 -19.95 -20.72
CA GLU A 52 -59.19 -20.18 -21.44
C GLU A 52 -58.59 -18.83 -21.82
N LEU A 53 -59.45 -17.90 -22.31
CA LEU A 53 -59.04 -16.56 -22.74
C LEU A 53 -58.63 -15.70 -21.56
N ARG A 54 -59.48 -15.59 -20.51
CA ARG A 54 -59.24 -14.80 -19.28
C ARG A 54 -57.92 -15.20 -18.58
N ALA A 55 -57.47 -16.45 -18.80
CA ALA A 55 -56.23 -16.99 -18.25
C ALA A 55 -55.07 -16.62 -19.13
N GLN A 56 -55.20 -16.80 -20.48
CA GLN A 56 -54.16 -16.45 -21.45
C GLN A 56 -53.93 -14.96 -21.50
N GLN A 57 -54.98 -14.16 -21.19
CA GLN A 57 -54.96 -12.69 -21.15
C GLN A 57 -54.10 -12.25 -19.98
N GLU A 58 -54.43 -12.77 -18.80
CA GLU A 58 -53.76 -12.53 -17.53
C GLU A 58 -52.33 -13.03 -17.55
N GLU A 59 -52.11 -14.24 -18.08
CA GLU A 59 -50.81 -14.87 -18.19
C GLU A 59 -49.89 -14.02 -19.02
N ALA A 60 -50.31 -13.61 -20.23
CA ALA A 60 -49.49 -12.80 -21.11
C ALA A 60 -49.31 -11.36 -20.58
N ALA A 61 -50.35 -10.77 -19.92
CA ALA A 61 -50.28 -9.41 -19.36
C ALA A 61 -49.28 -9.34 -18.21
N ARG A 62 -49.31 -10.35 -17.32
CA ARG A 62 -48.41 -10.47 -16.18
C ARG A 62 -47.04 -10.89 -16.66
N LYS A 63 -46.96 -11.91 -17.54
CA LYS A 63 -45.70 -12.39 -18.12
C LYS A 63 -44.97 -11.30 -18.87
N GLN A 64 -45.70 -10.40 -19.57
CA GLN A 64 -45.10 -9.27 -20.29
C GLN A 64 -44.43 -8.33 -19.28
N ARG A 65 -45.23 -7.61 -18.44
CA ARG A 65 -44.74 -6.65 -17.43
C ARG A 65 -43.65 -7.26 -16.50
N GLU A 66 -43.89 -8.45 -15.96
CA GLU A 66 -42.96 -9.17 -15.10
C GLU A 66 -41.59 -9.38 -15.78
N LEU A 67 -41.56 -9.40 -17.13
CA LEU A 67 -40.33 -9.64 -17.87
C LEU A 67 -39.96 -8.47 -18.80
N GLU A 68 -40.58 -7.30 -18.58
CA GLU A 68 -40.30 -6.08 -19.30
C GLU A 68 -39.90 -5.01 -18.31
N ALA A 69 -40.55 -5.02 -17.12
CA ALA A 69 -40.19 -4.15 -16.00
C ALA A 69 -38.86 -4.68 -15.38
N LEU A 70 -38.60 -6.00 -15.57
CA LEU A 70 -37.35 -6.63 -15.17
C LEU A 70 -36.28 -6.25 -16.19
N GLN A 71 -36.70 -6.01 -17.45
CA GLN A 71 -35.76 -5.58 -18.48
C GLN A 71 -35.35 -4.15 -18.27
N GLN A 72 -36.22 -3.33 -17.63
CA GLN A 72 -35.93 -1.94 -17.24
C GLN A 72 -34.84 -1.97 -16.15
N GLU A 73 -34.87 -3.00 -15.29
CA GLU A 73 -33.84 -3.22 -14.27
C GLU A 73 -32.50 -3.48 -14.98
N SER A 74 -32.40 -4.60 -15.72
CA SER A 74 -31.20 -5.03 -16.45
C SER A 74 -30.63 -3.96 -17.38
N GLN A 75 -31.46 -3.01 -17.85
CA GLN A 75 -31.01 -1.88 -18.65
C GLN A 75 -30.20 -0.91 -17.81
N ARG A 76 -30.75 -0.46 -16.66
CA ARG A 76 -30.07 0.47 -15.73
C ARG A 76 -28.92 -0.21 -14.96
N ALA A 77 -29.16 -1.41 -14.42
CA ALA A 77 -28.19 -2.20 -13.67
C ALA A 77 -26.86 -2.46 -14.46
N ALA A 78 -26.92 -2.65 -15.79
CA ALA A 78 -25.73 -2.88 -16.63
C ALA A 78 -25.21 -1.56 -17.25
N GLU A 79 -25.81 -0.42 -16.83
CA GLU A 79 -25.41 0.94 -17.21
C GLU A 79 -24.71 1.59 -15.99
N LEU A 80 -25.09 1.16 -14.79
CA LEU A 80 -24.51 1.64 -13.53
C LEU A 80 -23.43 0.65 -13.03
N SER A 81 -22.99 -0.21 -13.96
CA SER A 81 -21.88 -1.14 -13.82
C SER A 81 -20.76 -0.59 -14.66
N ARG A 82 -21.12 0.03 -15.82
CA ARG A 82 -20.21 0.74 -16.73
C ARG A 82 -19.80 2.07 -16.08
N GLU A 83 -20.64 2.60 -15.17
CA GLU A 83 -20.38 3.80 -14.38
C GLU A 83 -19.21 3.47 -13.43
N LEU A 84 -19.25 2.27 -12.82
CA LEU A 84 -18.19 1.76 -11.96
C LEU A 84 -16.97 1.42 -12.80
N GLU A 85 -17.15 0.68 -13.91
CA GLU A 85 -16.09 0.30 -14.86
C GLU A 85 -15.40 1.55 -15.48
N LYS A 86 -15.95 2.75 -15.21
CA LYS A 86 -15.36 4.01 -15.63
C LYS A 86 -14.50 4.57 -14.48
N GLN A 87 -15.16 5.01 -13.41
CA GLN A 87 -14.53 5.64 -12.24
C GLN A 87 -13.57 4.69 -11.52
N LYS A 88 -13.95 3.41 -11.32
CA LYS A 88 -13.08 2.42 -10.68
C LYS A 88 -11.91 2.03 -11.56
N GLU A 89 -12.00 2.17 -12.89
CA GLU A 89 -10.82 1.89 -13.72
C GLU A 89 -9.91 3.19 -13.93
N ASN A 90 -10.51 4.38 -13.84
CA ASN A 90 -9.87 5.70 -13.79
C ASN A 90 -8.93 5.83 -12.52
N LYS A 91 -9.40 5.41 -11.33
CA LYS A 91 -8.61 5.48 -10.09
C LYS A 91 -7.54 4.38 -10.01
N GLN A 92 -7.61 3.37 -10.89
CA GLN A 92 -6.62 2.28 -10.94
C GLN A 92 -5.42 2.72 -11.82
N VAL A 93 -5.63 3.78 -12.63
CA VAL A 93 -4.60 4.41 -13.44
C VAL A 93 -3.93 5.47 -12.51
N GLU A 94 -4.78 6.11 -11.68
CA GLU A 94 -4.38 7.09 -10.68
C GLU A 94 -3.32 6.53 -9.75
N GLU A 95 -3.42 5.23 -9.40
CA GLU A 95 -2.45 4.57 -8.53
C GLU A 95 -1.20 4.25 -9.29
N ILE A 96 -1.26 3.65 -10.52
CA ILE A 96 0.01 3.39 -11.24
C ILE A 96 0.73 4.71 -11.53
N LEU A 97 -0.03 5.80 -11.77
CA LEU A 97 0.54 7.14 -11.96
C LEU A 97 1.32 7.57 -10.70
N ARG A 98 0.74 7.29 -9.51
CA ARG A 98 1.31 7.61 -8.21
C ARG A 98 2.46 6.71 -7.83
N LEU A 99 2.28 5.41 -8.05
CA LEU A 99 3.26 4.42 -7.69
C LEU A 99 4.44 4.39 -8.64
N GLU A 100 4.25 4.65 -9.95
CA GLU A 100 5.37 4.70 -10.90
C GLU A 100 6.29 5.93 -10.64
N LYS A 101 5.68 7.08 -10.25
CA LYS A 101 6.42 8.30 -9.92
C LYS A 101 7.20 8.12 -8.61
N GLU A 102 6.57 7.46 -7.62
CA GLU A 102 7.16 7.18 -6.30
C GLU A 102 8.33 6.19 -6.43
N ILE A 103 8.21 5.16 -7.30
CA ILE A 103 9.24 4.14 -7.48
C ILE A 103 10.35 4.62 -8.43
N GLU A 104 10.22 5.84 -8.93
CA GLU A 104 11.22 6.51 -9.75
C GLU A 104 11.94 7.49 -8.84
N ASP A 105 11.17 8.28 -8.06
CA ASP A 105 11.68 9.29 -7.14
C ASP A 105 12.39 8.64 -5.96
N LEU A 106 11.77 7.62 -5.33
CA LEU A 106 12.38 6.87 -4.23
C LEU A 106 13.24 5.73 -4.81
N GLN A 107 13.80 5.97 -5.98
CA GLN A 107 14.73 5.10 -6.68
C GLN A 107 15.93 5.96 -7.02
N ARG A 108 15.70 7.12 -7.69
CA ARG A 108 16.72 8.13 -8.04
C ARG A 108 17.33 8.68 -6.77
N MET A 109 16.48 8.85 -5.73
CA MET A 109 16.84 9.26 -4.38
C MET A 109 17.82 8.28 -3.78
N LYS A 110 17.66 7.00 -4.10
CA LYS A 110 18.47 5.92 -3.55
C LYS A 110 19.54 5.46 -4.55
N GLU A 111 19.52 6.02 -5.76
CA GLU A 111 20.48 5.74 -6.82
C GLU A 111 21.71 6.56 -6.52
N ARG A 112 21.51 7.90 -6.36
CA ARG A 112 22.52 8.91 -6.06
C ARG A 112 23.15 8.65 -4.70
N GLN A 113 22.31 8.51 -3.63
CA GLN A 113 22.71 8.28 -2.25
C GLN A 113 23.50 6.97 -2.05
N GLU A 114 23.73 6.22 -3.14
CA GLU A 114 24.45 4.96 -3.14
C GLU A 114 25.67 5.01 -4.06
N LEU A 115 25.48 5.51 -5.29
CA LEU A 115 26.55 5.62 -6.28
C LEU A 115 27.62 6.59 -5.77
N SER A 116 27.23 7.54 -4.91
CA SER A 116 28.11 8.51 -4.28
C SER A 116 28.76 7.90 -3.01
N LEU A 117 29.51 6.77 -3.19
CA LEU A 117 30.17 6.03 -2.11
C LEU A 117 31.56 5.49 -2.49
N THR A 118 32.29 4.90 -1.51
CA THR A 118 33.63 4.34 -1.66
C THR A 118 33.60 3.17 -2.66
N GLU A 119 34.56 3.19 -3.63
CA GLU A 119 34.67 2.19 -4.70
C GLU A 119 35.08 0.78 -4.22
N ALA A 120 35.52 0.62 -2.95
CA ALA A 120 35.88 -0.69 -2.39
C ALA A 120 34.64 -1.63 -2.28
N SER A 121 33.45 -1.04 -2.00
CA SER A 121 32.17 -1.74 -1.89
C SER A 121 31.49 -1.89 -3.26
N LEU A 122 31.82 -0.98 -4.21
CA LEU A 122 31.29 -0.95 -5.58
C LEU A 122 31.63 -2.23 -6.39
N GLN A 123 32.67 -2.98 -5.95
CA GLN A 123 33.09 -4.25 -6.55
C GLN A 123 32.26 -5.42 -5.99
N LYS A 124 31.98 -5.42 -4.66
CA LYS A 124 31.13 -6.44 -4.03
C LYS A 124 29.66 -6.10 -4.26
N LEU A 125 29.39 -4.88 -4.80
CA LEU A 125 28.05 -4.42 -5.20
C LEU A 125 27.58 -5.29 -6.37
N GLN A 126 28.50 -5.52 -7.34
CA GLN A 126 28.29 -6.36 -8.53
C GLN A 126 28.31 -7.86 -8.13
N GLN A 127 29.22 -8.24 -7.20
CA GLN A 127 29.39 -9.60 -6.67
C GLN A 127 28.15 -10.06 -5.89
N LEU A 128 27.52 -9.17 -5.09
CA LEU A 128 26.31 -9.48 -4.33
C LEU A 128 25.09 -9.53 -5.27
N ARG A 129 25.14 -8.76 -6.39
CA ARG A 129 24.11 -8.70 -7.43
C ARG A 129 24.09 -10.00 -8.25
N ASP A 130 25.28 -10.61 -8.45
CA ASP A 130 25.47 -11.87 -9.20
C ASP A 130 24.93 -13.08 -8.41
N GLU A 131 25.08 -13.07 -7.07
CA GLU A 131 24.60 -14.13 -6.16
C GLU A 131 23.07 -14.14 -6.10
N TYR B 13 106.30 57.66 76.20
CA TYR B 13 107.28 56.67 75.75
C TYR B 13 106.59 55.37 75.30
N ARG B 14 105.34 55.16 75.72
CA ARG B 14 104.54 53.98 75.39
C ARG B 14 103.93 54.09 73.99
N GLN B 15 104.24 53.08 73.16
CA GLN B 15 103.73 52.98 71.80
C GLN B 15 102.41 52.23 71.80
N LEU B 16 101.41 52.75 71.05
CA LEU B 16 100.07 52.16 70.91
C LEU B 16 100.12 50.87 70.11
N LEU B 17 100.81 50.90 68.94
CA LEU B 17 101.06 49.83 67.96
C LEU B 17 99.81 48.95 67.67
N ALA B 18 98.72 49.63 67.22
CA ALA B 18 97.46 48.99 66.77
C ALA B 18 97.63 48.40 65.35
N GLU B 19 98.62 47.53 65.28
CA GLU B 19 99.04 46.76 64.13
C GLU B 19 98.44 45.38 64.26
N LYS B 20 98.27 44.90 65.52
CA LYS B 20 97.63 43.62 65.87
C LYS B 20 96.15 43.65 65.48
N ARG B 21 95.54 44.85 65.54
CA ARG B 21 94.16 45.14 65.13
C ARG B 21 94.12 45.43 63.61
N ALA B 22 95.22 45.98 63.04
CA ALA B 22 95.38 46.24 61.60
C ALA B 22 95.59 44.92 60.83
N GLU B 23 96.10 43.88 61.54
CA GLU B 23 96.31 42.52 61.03
C GLU B 23 94.99 41.75 61.06
N GLU B 24 94.14 42.02 62.09
CA GLU B 24 92.80 41.42 62.24
C GLU B 24 91.84 41.92 61.15
N GLU B 25 92.06 43.17 60.66
CA GLU B 25 91.31 43.82 59.59
C GLU B 25 91.54 43.08 58.26
N LYS B 26 92.81 42.73 57.98
CA LYS B 26 93.23 42.00 56.77
C LYS B 26 92.86 40.51 56.87
N ARG B 27 92.85 39.93 58.09
CA ARG B 27 92.48 38.52 58.31
C ARG B 27 90.97 38.34 58.15
N LYS B 28 90.18 39.38 58.47
CA LYS B 28 88.72 39.39 58.35
C LYS B 28 88.31 39.59 56.88
N ARG B 29 88.82 40.65 56.22
CA ARG B 29 88.54 41.03 54.83
C ARG B 29 88.98 39.97 53.79
N GLU B 30 90.13 39.29 53.99
CA GLU B 30 90.61 38.25 53.08
C GLU B 30 89.83 36.94 53.27
N GLU B 31 89.09 36.82 54.39
CA GLU B 31 88.25 35.66 54.70
C GLU B 31 86.76 35.95 54.41
N GLU B 32 86.41 37.24 54.32
CA GLU B 32 85.07 37.71 53.95
C GLU B 32 84.94 37.69 52.42
N GLU B 33 86.10 37.77 51.73
CA GLU B 33 86.26 37.71 50.27
C GLU B 33 86.23 36.25 49.81
N LYS B 34 86.78 35.34 50.64
CA LYS B 34 86.79 33.90 50.38
C LYS B 34 85.39 33.29 50.59
N ARG B 35 84.53 33.96 51.39
CA ARG B 35 83.14 33.56 51.64
C ARG B 35 82.25 33.95 50.45
N LYS B 36 82.36 35.21 49.96
CA LYS B 36 81.61 35.74 48.82
C LYS B 36 82.00 35.05 47.50
N ARG B 37 83.26 34.59 47.37
CA ARG B 37 83.70 33.85 46.19
C ARG B 37 83.21 32.40 46.26
N GLU B 38 83.23 31.78 47.46
CA GLU B 38 82.74 30.41 47.67
C GLU B 38 81.21 30.34 47.61
N GLU B 39 80.51 31.41 48.00
CA GLU B 39 79.04 31.48 47.92
C GLU B 39 78.59 31.59 46.46
N GLU B 40 79.27 32.42 45.64
CA GLU B 40 78.99 32.66 44.21
C GLU B 40 79.23 31.38 43.37
N GLU B 41 80.27 30.59 43.71
CA GLU B 41 80.63 29.34 43.04
C GLU B 41 79.64 28.20 43.41
N ARG B 42 78.86 28.39 44.50
CA ARG B 42 77.82 27.46 44.98
C ARG B 42 76.43 27.96 44.56
N GLU B 43 76.34 29.25 44.14
CA GLU B 43 75.11 29.87 43.62
C GLU B 43 75.00 29.60 42.11
N ARG B 44 76.13 29.70 41.38
CA ARG B 44 76.25 29.44 39.95
C ARG B 44 76.33 27.93 39.66
N GLU B 45 76.51 27.11 40.71
CA GLU B 45 76.52 25.65 40.63
C GLU B 45 75.08 25.15 40.80
N ARG B 46 74.35 25.69 41.79
CA ARG B 46 72.93 25.36 42.07
C ARG B 46 71.99 25.95 40.99
N GLU B 47 72.45 26.96 40.23
CA GLU B 47 71.71 27.59 39.13
C GLU B 47 71.80 26.67 37.90
N ARG B 48 73.02 26.23 37.54
CA ARG B 48 73.30 25.34 36.40
C ARG B 48 72.77 23.92 36.63
N ARG B 49 72.81 23.41 37.87
CA ARG B 49 72.28 22.08 38.20
C ARG B 49 70.74 22.03 38.20
N GLU B 50 70.06 23.21 38.33
CA GLU B 50 68.59 23.31 38.30
C GLU B 50 68.05 23.67 36.89
N ALA B 51 68.77 24.51 36.12
CA ALA B 51 68.42 24.91 34.76
C ALA B 51 68.54 23.72 33.79
N GLU B 52 69.54 22.84 34.03
CA GLU B 52 69.77 21.61 33.27
C GLU B 52 68.66 20.59 33.58
N LEU B 53 68.25 20.49 34.85
CA LEU B 53 67.19 19.60 35.31
C LEU B 53 65.82 20.06 34.81
N ARG B 54 65.44 21.36 34.99
CA ARG B 54 64.17 21.95 34.53
C ARG B 54 63.96 21.81 33.01
N ALA B 55 65.07 21.64 32.24
CA ALA B 55 65.05 21.42 30.80
C ALA B 55 64.86 19.94 30.50
N GLN B 56 65.58 19.05 31.20
CA GLN B 56 65.46 17.59 31.04
C GLN B 56 64.11 17.09 31.52
N GLN B 57 63.50 17.81 32.48
CA GLN B 57 62.17 17.54 33.05
C GLN B 57 61.11 17.84 31.99
N GLU B 58 61.18 19.05 31.41
CA GLU B 58 60.32 19.57 30.35
C GLU B 58 60.48 18.73 29.09
N GLU B 59 61.72 18.39 28.71
CA GLU B 59 62.01 17.59 27.52
C GLU B 59 61.36 16.23 27.62
N ALA B 60 61.55 15.52 28.74
CA ALA B 60 60.95 14.20 28.93
C ALA B 60 59.42 14.27 29.11
N ALA B 61 58.89 15.32 29.78
CA ALA B 61 57.44 15.51 29.99
C ALA B 61 56.72 15.77 28.67
N ARG B 62 57.32 16.63 27.82
CA ARG B 62 56.79 16.95 26.50
C ARG B 62 57.02 15.78 25.56
N LYS B 63 58.23 15.19 25.54
CA LYS B 63 58.57 14.02 24.71
C LYS B 63 57.66 12.83 25.02
N GLN B 64 57.28 12.63 26.29
CA GLN B 64 56.39 11.56 26.69
C GLN B 64 54.99 11.78 26.05
N ARG B 65 54.26 12.83 26.52
CA ARG B 65 52.92 13.19 26.03
C ARG B 65 52.88 13.34 24.49
N GLU B 66 53.81 14.06 23.88
CA GLU B 66 53.91 14.25 22.45
C GLU B 66 53.99 12.93 21.69
N LEU B 67 54.46 11.85 22.34
CA LEU B 67 54.61 10.56 21.68
C LEU B 67 53.78 9.44 22.34
N GLU B 68 52.85 9.84 23.22
CA GLU B 68 51.93 8.92 23.88
C GLU B 68 50.51 9.35 23.56
N ALA B 69 50.27 10.69 23.47
CA ALA B 69 49.02 11.29 23.04
C ALA B 69 48.90 11.10 21.55
N LEU B 70 50.05 10.97 20.85
CA LEU B 70 50.11 10.65 19.44
C LEU B 70 49.79 9.19 19.26
N GLN B 71 50.14 8.36 20.26
CA GLN B 71 49.84 6.94 20.19
C GLN B 71 48.36 6.68 20.41
N GLN B 72 47.69 7.57 21.20
CA GLN B 72 46.25 7.56 21.44
C GLN B 72 45.55 7.86 20.12
N GLU B 73 46.14 8.74 19.28
CA GLU B 73 45.65 9.07 17.97
C GLU B 73 45.67 7.82 17.12
N SER B 74 46.88 7.29 16.81
CA SER B 74 47.11 6.11 15.96
C SER B 74 46.27 4.90 16.35
N GLN B 75 45.95 4.79 17.66
CA GLN B 75 45.12 3.71 18.19
C GLN B 75 43.70 3.85 17.65
N ARG B 76 43.07 5.02 17.92
CA ARG B 76 41.70 5.32 17.53
C ARG B 76 41.58 5.55 16.04
N ALA B 77 42.46 6.38 15.44
CA ALA B 77 42.46 6.72 14.02
C ALA B 77 42.41 5.52 13.11
N ALA B 78 43.13 4.42 13.43
CA ALA B 78 43.14 3.23 12.57
C ALA B 78 42.07 2.22 12.96
N GLU B 79 41.27 2.56 13.99
CA GLU B 79 40.17 1.75 14.50
C GLU B 79 38.84 2.38 14.08
N LEU B 80 38.83 3.72 13.91
CA LEU B 80 37.66 4.48 13.49
C LEU B 80 37.75 4.76 11.99
N SER B 81 38.58 3.97 11.31
CA SER B 81 38.73 3.93 9.87
C SER B 81 38.09 2.64 9.45
N ARG B 82 38.29 1.58 10.27
CA ARG B 82 37.71 0.25 10.10
C ARG B 82 36.24 0.32 10.46
N GLU B 83 35.85 1.28 11.33
CA GLU B 83 34.46 1.53 11.73
C GLU B 83 33.71 2.02 10.50
N LEU B 84 34.33 2.93 9.73
CA LEU B 84 33.79 3.47 8.48
C LEU B 84 33.80 2.38 7.45
N GLU B 85 34.96 1.72 7.26
CA GLU B 85 35.17 0.63 6.31
C GLU B 85 34.22 -0.53 6.53
N LYS B 86 33.51 -0.53 7.68
CA LYS B 86 32.53 -1.55 8.03
C LYS B 86 31.16 -1.07 7.58
N GLN B 87 30.61 -0.08 8.30
CA GLN B 87 29.27 0.45 8.11
C GLN B 87 29.09 1.08 6.74
N LYS B 88 30.07 1.89 6.28
CA LYS B 88 29.97 2.53 4.97
C LYS B 88 30.10 1.52 3.85
N GLU B 89 30.79 0.41 4.07
CA GLU B 89 30.85 -0.50 2.95
C GLU B 89 29.70 -1.45 3.00
N ASN B 90 29.56 -2.12 4.12
CA ASN B 90 28.66 -3.23 4.35
C ASN B 90 27.20 -2.81 4.32
N LYS B 91 26.85 -1.75 5.10
CA LYS B 91 25.45 -1.31 5.18
C LYS B 91 25.00 -0.51 3.97
N GLN B 92 25.96 -0.09 3.12
CA GLN B 92 25.61 0.65 1.92
C GLN B 92 25.34 -0.30 0.77
N VAL B 93 25.72 -1.57 0.93
CA VAL B 93 25.42 -2.65 0.00
C VAL B 93 24.05 -3.18 0.44
N GLU B 94 23.84 -3.21 1.78
CA GLU B 94 22.61 -3.64 2.44
C GLU B 94 21.42 -2.83 1.93
N GLU B 95 21.61 -1.53 1.65
CA GLU B 95 20.57 -0.66 1.13
C GLU B 95 20.37 -0.89 -0.33
N ILE B 96 21.43 -0.93 -1.18
CA ILE B 96 21.17 -1.21 -2.61
C ILE B 96 20.50 -2.58 -2.77
N LEU B 97 20.86 -3.57 -1.92
CA LEU B 97 20.24 -4.89 -1.91
C LEU B 97 18.74 -4.75 -1.65
N ARG B 98 18.36 -3.88 -0.67
CA ARG B 98 16.99 -3.60 -0.27
C ARG B 98 16.25 -2.79 -1.28
N LEU B 99 16.88 -1.72 -1.74
CA LEU B 99 16.27 -0.78 -2.65
C LEU B 99 16.18 -1.31 -4.07
N GLU B 100 17.15 -2.12 -4.54
CA GLU B 100 17.07 -2.69 -5.90
C GLU B 100 15.97 -3.76 -6.01
N LYS B 101 15.77 -4.55 -4.92
CA LYS B 101 14.72 -5.57 -4.86
C LYS B 101 13.34 -4.90 -4.78
N GLU B 102 13.23 -3.81 -3.98
CA GLU B 102 12.01 -3.03 -3.80
C GLU B 102 11.61 -2.32 -5.09
N ILE B 103 12.57 -1.76 -5.85
CA ILE B 103 12.30 -1.02 -7.09
C ILE B 103 12.11 -1.98 -8.28
N GLU B 104 12.20 -3.29 -8.02
CA GLU B 104 11.95 -4.33 -8.98
C GLU B 104 10.56 -4.87 -8.67
N ASP B 105 10.31 -5.17 -7.37
CA ASP B 105 9.05 -5.72 -6.87
C ASP B 105 7.94 -4.69 -6.96
N LEU B 106 8.19 -3.44 -6.49
CA LEU B 106 7.23 -2.34 -6.60
C LEU B 106 7.36 -1.66 -7.98
N GLN B 107 7.75 -2.45 -8.97
CA GLN B 107 7.84 -2.07 -10.37
C GLN B 107 7.05 -3.10 -11.16
N ARG B 108 7.35 -4.42 -10.94
CA ARG B 108 6.65 -5.57 -11.53
C ARG B 108 5.21 -5.56 -11.04
N MET B 109 5.02 -5.18 -9.76
CA MET B 109 3.73 -5.00 -9.10
C MET B 109 2.92 -3.94 -9.83
N LYS B 110 3.59 -2.92 -10.37
CA LYS B 110 2.95 -1.80 -11.04
C LYS B 110 3.05 -1.94 -12.56
N GLU B 111 3.74 -2.99 -13.05
CA GLU B 111 3.89 -3.28 -14.47
C GLU B 111 2.65 -4.03 -14.89
N ARG B 112 2.33 -5.11 -14.15
CA ARG B 112 1.15 -5.97 -14.34
C ARG B 112 -0.14 -5.20 -14.10
N GLN B 113 -0.25 -4.53 -12.93
CA GLN B 113 -1.42 -3.75 -12.50
C GLN B 113 -1.72 -2.55 -13.45
N GLU B 114 -0.94 -2.40 -14.53
CA GLU B 114 -1.07 -1.34 -15.52
C GLU B 114 -1.33 -1.94 -16.91
N LEU B 115 -0.51 -2.93 -17.31
CA LEU B 115 -0.64 -3.59 -18.61
C LEU B 115 -1.99 -4.28 -18.71
N SER B 116 -2.55 -4.71 -17.55
CA SER B 116 -3.86 -5.35 -17.45
C SER B 116 -4.98 -4.30 -17.39
N LEU B 117 -5.09 -3.44 -18.44
CA LEU B 117 -6.10 -2.37 -18.48
C LEU B 117 -6.67 -2.08 -19.88
N THR B 118 -7.83 -1.38 -19.93
CA THR B 118 -8.52 -0.92 -21.16
C THR B 118 -7.64 0.12 -21.87
N GLU B 119 -7.41 -0.04 -23.18
CA GLU B 119 -6.55 0.83 -23.99
C GLU B 119 -7.10 2.26 -24.18
N ALA B 120 -8.38 2.53 -23.84
CA ALA B 120 -8.97 3.87 -23.96
C ALA B 120 -8.31 4.88 -22.97
N SER B 121 -7.89 4.39 -21.79
CA SER B 121 -7.21 5.18 -20.75
C SER B 121 -5.70 5.22 -20.98
N LEU B 122 -5.15 4.20 -21.69
CA LEU B 122 -3.73 4.03 -22.02
C LEU B 122 -3.19 5.21 -22.88
N GLN B 123 -4.09 5.94 -23.56
CA GLN B 123 -3.78 7.12 -24.38
C GLN B 123 -3.69 8.39 -23.50
N LYS B 124 -4.62 8.55 -22.52
CA LYS B 124 -4.58 9.68 -21.58
C LYS B 124 -3.55 9.38 -20.46
N LEU B 125 -3.04 8.12 -20.41
CA LEU B 125 -1.98 7.68 -19.50
C LEU B 125 -0.70 8.42 -19.88
N GLN B 126 -0.42 8.50 -21.19
CA GLN B 126 0.72 9.20 -21.78
C GLN B 126 0.50 10.71 -21.72
N GLN B 127 -0.75 11.17 -21.99
CA GLN B 127 -1.17 12.58 -21.97
C GLN B 127 -1.04 13.19 -20.56
N LEU B 128 -1.41 12.43 -19.51
CA LEU B 128 -1.29 12.89 -18.11
C LEU B 128 0.18 12.87 -17.66
N ARG B 129 0.99 11.96 -18.23
CA ARG B 129 2.43 11.81 -17.99
C ARG B 129 3.22 12.98 -18.58
N ASP B 130 2.75 13.52 -19.73
CA ASP B 130 3.36 14.64 -20.46
C ASP B 130 3.13 15.96 -19.72
N GLU B 131 1.95 16.14 -19.07
CA GLU B 131 1.58 17.32 -18.28
C GLU B 131 2.47 17.42 -17.02
N GLU B 132 2.99 16.26 -16.56
CA GLU B 132 3.92 16.13 -15.42
C GLU B 132 5.29 16.73 -15.78
N LEU B 133 5.60 16.83 -17.08
CA LEU B 133 6.84 17.43 -17.59
C LEU B 133 6.67 18.94 -17.70
N ARG B 134 7.25 19.68 -16.71
CA ARG B 134 7.24 21.14 -16.57
C ARG B 134 5.88 21.79 -16.96
#